data_3MBP
#
_entry.id   3MBP
#
_cell.length_a   106.070
_cell.length_b   68.430
_cell.length_c   57.940
_cell.angle_alpha   90.00
_cell.angle_beta   112.51
_cell.angle_gamma   90.00
#
_symmetry.space_group_name_H-M   'C 1 2 1'
#
loop_
_entity.id
_entity.type
_entity.pdbx_description
1 polymer 'MALTODEXTRIN-BINDING PROTEIN'
2 branched alpha-D-glucopyranose-(1-4)-alpha-D-glucopyranose-(1-4)-alpha-D-glucopyranose
3 water water
#
_entity_poly.entity_id   1
_entity_poly.type   'polypeptide(L)'
_entity_poly.pdbx_seq_one_letter_code
;KIEEGKLVIWINGDKGYNGLAEVGKKFEKDTGIKVTVEHPDKLEEKFPQVAATGDGPDIIFWAHDRFGGYAQSGLLAEIT
PDKAFQDKLYPFTWDAVRYNGKLIAYPIAVEALSLIYNKDLLPNPPKTWEEIPALDKELKAKGKSALMFNLQEPYFTWPL
IAADGGYAFKYENGKYDIKDVGVDNAGAKAGLTFLVDLIKNKHMNADTDYSIAEAAFNKGETAMTINGPWAWSNIDTSKV
NYGVTVLPTFKGQPSKPFVGVLSAGINAASPNKELAKEFLENYLLTDEGLEAVNKDKPLGAVALKSYEEELAKDPRIAAT
MENAQKGEIMPNIPQMSAFWYAVRTAVINAASGRQTVDEALKDAQTRITK
;
_entity_poly.pdbx_strand_id   A
#
loop_
_chem_comp.id
_chem_comp.type
_chem_comp.name
_chem_comp.formula
GLC D-saccharide, alpha linking alpha-D-glucopyranose 'C6 H12 O6'
#
# COMPACT_ATOMS: atom_id res chain seq x y z
N LYS A 1 10.08 11.82 -26.07
CA LYS A 1 11.47 11.51 -26.38
C LYS A 1 12.01 10.41 -25.45
N ILE A 2 11.43 9.24 -25.60
CA ILE A 2 11.87 8.03 -24.89
C ILE A 2 12.59 7.21 -26.01
N GLU A 3 13.65 6.41 -25.68
CA GLU A 3 14.55 5.72 -26.70
C GLU A 3 14.13 4.28 -27.12
N GLU A 4 13.29 4.18 -28.14
CA GLU A 4 12.79 2.88 -28.65
C GLU A 4 13.86 1.79 -28.49
N GLY A 5 13.19 0.51 -28.29
CA GLY A 5 14.11 -0.65 -28.25
C GLY A 5 14.64 -1.05 -26.92
N LYS A 6 14.25 -0.37 -25.88
CA LYS A 6 14.57 -0.65 -24.49
C LYS A 6 13.26 -0.40 -23.70
N LEU A 7 13.34 -0.90 -22.45
CA LEU A 7 12.24 -0.75 -21.47
C LEU A 7 12.89 -0.11 -20.23
N VAL A 8 12.26 0.91 -19.77
CA VAL A 8 12.74 1.59 -18.54
C VAL A 8 11.50 1.43 -17.62
N ILE A 9 11.85 0.90 -16.45
CA ILE A 9 10.75 0.69 -15.46
C ILE A 9 11.04 1.47 -14.21
N TRP A 10 9.85 2.02 -13.71
CA TRP A 10 9.93 2.75 -12.42
C TRP A 10 9.12 1.92 -11.39
N ILE A 11 9.74 1.60 -10.26
CA ILE A 11 9.05 0.90 -9.13
C ILE A 11 9.47 1.56 -7.80
N ASN A 12 8.67 1.60 -6.77
CA ASN A 12 8.98 2.19 -5.50
C ASN A 12 10.11 1.41 -4.81
N GLY A 13 10.90 2.19 -4.05
CA GLY A 13 12.08 1.61 -3.36
C GLY A 13 11.75 0.57 -2.31
N ASP A 14 10.48 0.49 -1.81
CA ASP A 14 10.19 -0.54 -0.85
C ASP A 14 9.81 -1.82 -1.58
N LYS A 15 9.77 -2.00 -2.90
CA LYS A 15 9.38 -3.28 -3.51
C LYS A 15 10.62 -4.05 -4.02
N GLY A 16 10.45 -5.27 -4.47
CA GLY A 16 11.45 -6.17 -4.95
C GLY A 16 12.03 -5.74 -6.28
N TYR A 17 12.69 -4.62 -6.32
CA TYR A 17 13.26 -4.17 -7.60
C TYR A 17 14.42 -5.07 -8.00
N ASN A 18 15.14 -5.76 -7.09
CA ASN A 18 16.26 -6.61 -7.65
C ASN A 18 15.64 -7.79 -8.37
N GLY A 19 14.57 -8.46 -7.85
CA GLY A 19 13.85 -9.55 -8.43
C GLY A 19 13.19 -9.08 -9.73
N LEU A 20 12.66 -7.90 -9.77
CA LEU A 20 12.08 -7.42 -11.03
C LEU A 20 13.18 -7.38 -12.12
N ALA A 21 14.34 -6.90 -11.81
CA ALA A 21 15.50 -6.75 -12.65
C ALA A 21 15.94 -8.11 -13.15
N GLU A 22 15.70 -9.19 -12.52
CA GLU A 22 16.07 -10.54 -12.93
C GLU A 22 15.03 -11.00 -13.93
N VAL A 23 13.82 -10.49 -13.74
CA VAL A 23 12.76 -10.87 -14.67
C VAL A 23 13.01 -10.21 -16.00
N GLY A 24 13.57 -9.07 -15.99
CA GLY A 24 13.83 -8.33 -17.24
C GLY A 24 15.11 -8.86 -17.96
N LYS A 25 15.95 -9.37 -17.08
CA LYS A 25 17.25 -9.92 -17.40
C LYS A 25 16.95 -11.16 -18.21
N LYS A 26 15.94 -11.92 -17.86
CA LYS A 26 15.79 -13.08 -18.83
C LYS A 26 14.74 -12.69 -19.88
N PHE A 27 14.43 -11.40 -19.98
CA PHE A 27 13.46 -10.94 -20.98
C PHE A 27 14.38 -10.70 -22.21
N GLU A 28 15.43 -10.02 -21.93
CA GLU A 28 16.50 -9.56 -22.75
C GLU A 28 17.46 -10.62 -23.27
N LYS A 29 17.65 -11.62 -22.44
CA LYS A 29 18.53 -12.79 -22.73
C LYS A 29 17.68 -13.47 -23.81
N ASP A 30 16.37 -13.15 -23.72
CA ASP A 30 15.60 -13.87 -24.79
C ASP A 30 14.87 -12.91 -25.69
N THR A 31 15.21 -11.63 -25.81
CA THR A 31 14.49 -10.78 -26.78
C THR A 31 15.42 -9.67 -27.33
N GLY A 32 16.61 -9.56 -26.81
CA GLY A 32 17.69 -8.67 -27.12
C GLY A 32 17.60 -7.25 -26.60
N ILE A 33 16.39 -6.95 -26.11
CA ILE A 33 16.17 -5.58 -25.61
C ILE A 33 16.40 -5.59 -24.13
N LYS A 34 17.18 -4.59 -23.76
CA LYS A 34 17.55 -4.41 -22.35
C LYS A 34 16.39 -3.71 -21.60
N VAL A 35 16.28 -4.10 -20.34
CA VAL A 35 15.20 -3.54 -19.54
C VAL A 35 15.96 -2.80 -18.45
N THR A 36 15.69 -1.58 -18.10
CA THR A 36 16.42 -1.00 -16.95
C THR A 36 15.28 -0.57 -15.96
N VAL A 37 15.47 -1.05 -14.75
CA VAL A 37 14.57 -0.84 -13.57
C VAL A 37 15.12 0.23 -12.65
N GLU A 38 14.38 1.31 -12.41
CA GLU A 38 14.86 2.33 -11.51
C GLU A 38 13.86 2.48 -10.38
N HIS A 39 14.31 3.07 -9.31
CA HIS A 39 13.38 3.31 -8.13
C HIS A 39 13.58 4.74 -7.66
N PRO A 40 13.20 5.74 -8.51
CA PRO A 40 13.41 7.12 -8.11
C PRO A 40 12.54 7.45 -6.91
N ASP A 41 13.09 8.49 -6.28
CA ASP A 41 12.34 9.00 -5.12
C ASP A 41 11.11 9.78 -5.63
N LYS A 42 10.08 9.61 -4.81
CA LYS A 42 8.81 10.28 -5.12
C LYS A 42 8.48 10.03 -6.62
N LEU A 43 8.64 8.87 -7.13
CA LEU A 43 8.35 8.56 -8.56
C LEU A 43 6.93 8.82 -9.00
N GLU A 44 6.01 8.64 -8.00
CA GLU A 44 4.62 8.81 -8.15
C GLU A 44 4.24 10.29 -8.37
N GLU A 45 5.07 11.23 -7.92
CA GLU A 45 4.78 12.62 -8.17
C GLU A 45 5.58 13.07 -9.42
N LYS A 46 6.67 12.41 -9.67
CA LYS A 46 7.48 12.78 -10.81
C LYS A 46 6.91 12.31 -12.11
N PHE A 47 6.29 11.14 -12.10
CA PHE A 47 5.76 10.58 -13.34
C PHE A 47 4.85 11.51 -14.14
N PRO A 48 3.85 12.11 -13.54
CA PRO A 48 2.94 13.03 -14.20
C PRO A 48 3.63 14.27 -14.79
N GLN A 49 4.77 14.57 -14.14
CA GLN A 49 5.60 15.72 -14.52
C GLN A 49 6.35 15.40 -15.83
N VAL A 50 7.21 14.41 -15.79
CA VAL A 50 7.89 14.10 -17.06
C VAL A 50 6.96 13.42 -18.03
N ALA A 51 5.98 12.59 -17.74
CA ALA A 51 5.14 11.90 -18.68
C ALA A 51 4.35 12.88 -19.58
N ALA A 52 4.10 14.00 -18.99
CA ALA A 52 3.39 15.16 -19.48
C ALA A 52 4.09 15.76 -20.69
N THR A 53 5.40 15.74 -20.56
CA THR A 53 6.42 16.20 -21.51
C THR A 53 6.76 15.14 -22.56
N GLY A 54 6.19 13.95 -22.46
CA GLY A 54 6.46 12.92 -23.47
C GLY A 54 7.69 12.11 -23.09
N ASP A 55 8.11 12.25 -21.85
CA ASP A 55 9.23 11.57 -21.17
C ASP A 55 8.78 10.53 -20.08
N GLY A 56 9.76 10.07 -19.27
CA GLY A 56 9.47 9.14 -18.16
C GLY A 56 9.76 7.73 -18.53
N PRO A 57 9.23 6.79 -17.73
CA PRO A 57 9.44 5.39 -17.97
C PRO A 57 8.51 4.79 -18.97
N ASP A 58 8.80 3.58 -19.43
CA ASP A 58 7.86 2.93 -20.34
C ASP A 58 6.68 2.43 -19.48
N ILE A 59 7.14 1.88 -18.33
CA ILE A 59 6.22 1.22 -17.37
C ILE A 59 6.45 1.83 -15.96
N ILE A 60 5.27 2.11 -15.36
CA ILE A 60 5.23 2.65 -14.01
C ILE A 60 4.40 1.72 -13.10
N PHE A 61 4.99 1.43 -11.93
CA PHE A 61 4.34 0.55 -10.92
C PHE A 61 4.00 1.49 -9.73
N TRP A 62 2.80 1.31 -9.20
CA TRP A 62 2.29 2.02 -8.01
C TRP A 62 1.00 1.28 -7.60
N ALA A 63 0.46 1.51 -6.39
CA ALA A 63 -0.77 1.01 -5.96
C ALA A 63 -1.80 1.72 -6.96
N HIS A 64 -2.94 1.13 -7.16
CA HIS A 64 -3.97 1.60 -8.14
C HIS A 64 -4.56 2.93 -7.84
N ASP A 65 -4.54 3.42 -6.61
CA ASP A 65 -5.13 4.71 -6.20
C ASP A 65 -4.59 5.90 -7.06
N ARG A 66 -3.30 5.87 -7.45
CA ARG A 66 -2.77 7.00 -8.21
C ARG A 66 -3.19 6.90 -9.66
N PHE A 67 -3.67 5.78 -10.12
CA PHE A 67 -3.98 5.57 -11.58
C PHE A 67 -5.14 6.30 -12.25
N GLY A 68 -6.25 6.56 -11.62
CA GLY A 68 -7.38 7.35 -12.17
C GLY A 68 -6.80 8.77 -12.41
N GLY A 69 -5.98 9.36 -11.56
CA GLY A 69 -5.41 10.72 -11.82
C GLY A 69 -4.55 10.67 -13.03
N TYR A 70 -3.68 9.68 -13.24
CA TYR A 70 -2.84 9.56 -14.42
C TYR A 70 -3.65 9.39 -15.71
N ALA A 71 -4.66 8.55 -15.63
CA ALA A 71 -5.57 8.25 -16.72
C ALA A 71 -6.29 9.58 -17.09
N GLN A 72 -6.83 10.32 -16.15
CA GLN A 72 -7.54 11.56 -16.44
C GLN A 72 -6.67 12.61 -17.18
N SER A 73 -5.43 12.72 -16.89
CA SER A 73 -4.37 13.59 -17.36
C SER A 73 -3.77 13.15 -18.71
N GLY A 74 -4.24 12.06 -19.18
CA GLY A 74 -3.94 11.34 -20.44
C GLY A 74 -2.58 10.70 -20.52
N LEU A 75 -1.97 10.20 -19.46
CA LEU A 75 -0.66 9.64 -19.35
C LEU A 75 -0.50 8.18 -19.51
N LEU A 76 -1.57 7.41 -19.59
CA LEU A 76 -1.54 6.00 -19.68
C LEU A 76 -2.26 5.42 -20.93
N ALA A 77 -1.64 4.38 -21.44
CA ALA A 77 -2.20 3.70 -22.59
C ALA A 77 -3.19 2.74 -22.07
N GLU A 78 -4.28 2.59 -22.75
CA GLU A 78 -5.35 1.65 -22.42
C GLU A 78 -4.78 0.24 -22.75
N ILE A 79 -5.00 -0.53 -21.67
CA ILE A 79 -4.49 -1.86 -22.02
C ILE A 79 -5.65 -2.75 -22.48
N THR A 80 -5.33 -3.64 -23.42
CA THR A 80 -6.30 -4.57 -24.01
C THR A 80 -5.62 -5.96 -24.19
N PRO A 81 -5.76 -6.76 -23.10
CA PRO A 81 -5.18 -8.12 -22.90
C PRO A 81 -5.77 -9.24 -23.77
N ASP A 82 -6.97 -9.60 -23.32
CA ASP A 82 -7.88 -10.63 -23.91
C ASP A 82 -8.46 -11.53 -22.77
N LYS A 83 -9.69 -11.98 -23.02
CA LYS A 83 -10.48 -12.81 -22.07
C LYS A 83 -9.70 -14.04 -21.61
N ALA A 84 -8.82 -14.64 -22.27
CA ALA A 84 -8.13 -15.82 -21.82
C ALA A 84 -7.12 -15.19 -20.82
N PHE A 85 -6.41 -14.18 -21.18
CA PHE A 85 -5.46 -13.63 -20.19
C PHE A 85 -6.21 -13.08 -19.01
N GLN A 86 -7.28 -12.32 -19.22
CA GLN A 86 -7.99 -11.78 -18.11
C GLN A 86 -8.46 -12.84 -17.17
N ASP A 87 -8.61 -14.04 -17.72
CA ASP A 87 -9.19 -15.10 -16.88
C ASP A 87 -8.19 -15.66 -15.85
N LYS A 88 -6.95 -15.44 -16.12
CA LYS A 88 -5.87 -15.88 -15.25
C LYS A 88 -5.81 -15.07 -13.94
N LEU A 89 -6.53 -13.96 -13.87
CA LEU A 89 -6.48 -13.10 -12.69
C LEU A 89 -7.78 -12.97 -12.03
N TYR A 90 -7.74 -12.72 -10.73
CA TYR A 90 -8.97 -12.51 -9.96
C TYR A 90 -9.67 -11.26 -10.54
N PRO A 91 -11.00 -11.42 -10.66
CA PRO A 91 -11.82 -10.36 -11.28
C PRO A 91 -11.82 -9.09 -10.50
N PHE A 92 -11.90 -9.06 -9.21
CA PHE A 92 -11.90 -7.83 -8.44
C PHE A 92 -10.61 -7.08 -8.74
N THR A 93 -9.55 -7.79 -9.06
CA THR A 93 -8.27 -7.04 -9.35
C THR A 93 -8.35 -6.22 -10.63
N TRP A 94 -9.06 -6.64 -11.70
CA TRP A 94 -9.11 -5.80 -12.92
C TRP A 94 -10.12 -4.68 -12.59
N ASP A 95 -10.97 -4.81 -11.65
CA ASP A 95 -11.92 -3.76 -11.38
C ASP A 95 -11.17 -2.56 -10.78
N ALA A 96 -10.12 -2.89 -10.07
CA ALA A 96 -9.33 -1.84 -9.37
C ALA A 96 -8.64 -1.04 -10.38
N VAL A 97 -8.43 -1.54 -11.62
CA VAL A 97 -7.66 -0.84 -12.61
C VAL A 97 -8.49 -0.34 -13.83
N ARG A 98 -9.76 -0.21 -13.61
CA ARG A 98 -10.69 0.23 -14.68
C ARG A 98 -10.94 1.69 -14.42
N TYR A 99 -10.80 2.51 -15.44
CA TYR A 99 -11.03 3.95 -15.28
C TYR A 99 -11.99 4.32 -16.46
N ASN A 100 -13.18 4.70 -16.04
CA ASN A 100 -14.33 5.04 -16.98
C ASN A 100 -14.65 3.82 -17.84
N GLY A 101 -14.59 2.65 -17.26
CA GLY A 101 -14.86 1.36 -17.87
C GLY A 101 -13.71 0.85 -18.72
N LYS A 102 -12.66 1.63 -18.86
CA LYS A 102 -11.50 1.17 -19.64
C LYS A 102 -10.37 0.55 -18.79
N LEU A 103 -9.70 -0.49 -19.20
CA LEU A 103 -8.58 -0.92 -18.29
C LEU A 103 -7.35 -0.08 -18.49
N ILE A 104 -6.68 0.45 -17.47
CA ILE A 104 -5.53 1.26 -17.72
C ILE A 104 -4.21 0.81 -17.06
N ALA A 105 -4.29 -0.45 -16.56
CA ALA A 105 -3.12 -1.06 -15.93
C ALA A 105 -3.36 -2.56 -15.72
N TYR A 106 -2.24 -3.22 -15.49
CA TYR A 106 -2.23 -4.63 -15.15
C TYR A 106 -2.16 -4.77 -13.60
N PRO A 107 -3.03 -5.49 -13.00
CA PRO A 107 -2.98 -5.72 -11.55
C PRO A 107 -1.85 -6.72 -11.28
N ILE A 108 -1.10 -6.62 -10.21
CA ILE A 108 -0.03 -7.51 -9.86
C ILE A 108 -0.27 -8.17 -8.49
N ALA A 109 -0.55 -7.41 -7.43
CA ALA A 109 -0.69 -8.02 -6.11
C ALA A 109 -1.58 -7.19 -5.27
N VAL A 110 -2.14 -7.83 -4.29
CA VAL A 110 -3.07 -7.17 -3.39
C VAL A 110 -2.36 -7.01 -2.06
N GLU A 111 -2.28 -5.77 -1.65
CA GLU A 111 -1.60 -5.45 -0.37
C GLU A 111 -2.50 -5.03 0.69
N ALA A 112 -2.29 -5.50 1.93
CA ALA A 112 -3.09 -5.05 3.04
C ALA A 112 -2.09 -5.01 4.22
N LEU A 113 -2.26 -4.10 5.12
CA LEU A 113 -1.46 -3.99 6.30
C LEU A 113 -1.89 -5.09 7.32
N SER A 114 -0.97 -5.62 8.11
CA SER A 114 -1.29 -6.61 9.19
C SER A 114 -0.53 -6.20 10.48
N LEU A 115 -0.87 -6.79 11.58
CA LEU A 115 -0.17 -6.60 12.83
C LEU A 115 0.97 -7.60 12.82
N ILE A 116 2.18 -7.23 12.99
CA ILE A 116 3.44 -8.11 13.06
C ILE A 116 3.86 -8.12 14.50
N TYR A 117 4.10 -9.22 15.17
CA TYR A 117 4.45 -9.16 16.61
C TYR A 117 5.64 -10.13 16.84
N ASN A 118 6.33 -9.80 17.92
CA ASN A 118 7.56 -10.60 18.32
C ASN A 118 7.07 -11.67 19.28
N LYS A 119 6.97 -12.90 18.81
CA LYS A 119 6.46 -14.01 19.59
C LYS A 119 7.26 -14.26 20.87
N ASP A 120 8.49 -13.86 20.79
CA ASP A 120 9.34 -14.09 22.00
C ASP A 120 8.97 -13.06 23.04
N LEU A 121 8.55 -11.92 22.65
CA LEU A 121 8.14 -10.84 23.59
C LEU A 121 6.67 -10.88 23.88
N LEU A 122 5.85 -11.44 22.98
CA LEU A 122 4.36 -11.46 23.11
C LEU A 122 3.74 -12.58 22.31
N PRO A 123 3.64 -13.74 22.94
CA PRO A 123 3.09 -15.00 22.39
C PRO A 123 1.66 -14.84 21.96
N ASN A 124 0.93 -14.08 22.80
CA ASN A 124 -0.47 -13.88 22.32
C ASN A 124 -0.63 -12.40 21.94
N PRO A 125 -0.81 -12.12 20.67
CA PRO A 125 -0.99 -10.66 20.33
C PRO A 125 -2.30 -10.19 20.86
N PRO A 126 -2.46 -8.91 21.13
CA PRO A 126 -3.72 -8.32 21.60
C PRO A 126 -4.79 -8.32 20.49
N LYS A 127 -6.03 -8.42 20.87
CA LYS A 127 -7.18 -8.44 19.97
C LYS A 127 -7.82 -7.07 19.73
N THR A 128 -7.58 -6.18 20.60
CA THR A 128 -8.07 -4.84 20.69
C THR A 128 -6.98 -3.79 20.90
N TRP A 129 -7.20 -2.62 20.33
CA TRP A 129 -6.40 -1.51 20.40
C TRP A 129 -6.36 -0.96 21.86
N GLU A 130 -7.61 -1.13 22.41
CA GLU A 130 -7.77 -0.63 23.80
C GLU A 130 -6.81 -1.31 24.80
N GLU A 131 -6.31 -2.44 24.67
CA GLU A 131 -5.43 -3.01 25.69
C GLU A 131 -3.99 -2.67 25.46
N ILE A 132 -3.71 -1.87 24.41
CA ILE A 132 -2.35 -1.51 24.10
C ILE A 132 -1.69 -0.62 25.11
N PRO A 133 -2.36 0.34 25.69
CA PRO A 133 -1.75 1.22 26.70
C PRO A 133 -1.29 0.45 27.96
N ALA A 134 -2.00 -0.55 28.46
CA ALA A 134 -1.61 -1.34 29.66
C ALA A 134 -0.45 -2.24 29.28
N LEU A 135 -0.46 -2.77 28.06
CA LEU A 135 0.60 -3.61 27.58
C LEU A 135 1.88 -2.85 27.49
N ASP A 136 1.88 -1.63 27.03
CA ASP A 136 3.06 -0.77 26.92
C ASP A 136 3.66 -0.53 28.32
N LYS A 137 2.76 -0.27 29.26
CA LYS A 137 3.20 -0.03 30.70
C LYS A 137 3.96 -1.29 31.18
N GLU A 138 3.56 -2.52 30.93
CA GLU A 138 4.41 -3.66 31.36
C GLU A 138 5.69 -3.81 30.55
N LEU A 139 5.66 -3.61 29.23
CA LEU A 139 6.96 -3.79 28.54
C LEU A 139 7.95 -2.68 28.89
N LYS A 140 7.50 -1.48 29.08
CA LYS A 140 8.32 -0.34 29.39
C LYS A 140 9.16 -0.61 30.62
N ALA A 141 8.59 -1.28 31.57
CA ALA A 141 9.21 -1.64 32.86
C ALA A 141 10.42 -2.55 32.75
N LYS A 142 10.48 -3.20 31.64
CA LYS A 142 11.48 -4.19 31.15
C LYS A 142 12.30 -3.58 30.02
N GLY A 143 12.18 -2.29 29.73
CA GLY A 143 12.80 -1.53 28.77
C GLY A 143 12.30 -1.63 27.37
N LYS A 144 11.21 -2.33 27.06
CA LYS A 144 10.71 -2.36 25.69
C LYS A 144 9.37 -1.55 25.58
N SER A 145 8.83 -1.49 24.34
CA SER A 145 7.58 -0.76 24.02
C SER A 145 6.58 -1.76 23.43
N ALA A 146 5.29 -1.45 23.44
CA ALA A 146 4.36 -2.39 22.90
C ALA A 146 4.32 -2.25 21.41
N LEU A 147 4.31 -1.06 20.81
CA LEU A 147 4.14 -0.83 19.40
C LEU A 147 4.68 0.38 18.78
N MET A 148 5.31 0.18 17.57
CA MET A 148 5.85 1.31 16.88
C MET A 148 5.53 1.10 15.36
N PHE A 149 5.00 2.18 14.82
CA PHE A 149 4.71 2.09 13.34
C PHE A 149 4.78 3.47 12.77
N ASN A 150 4.96 3.50 11.44
CA ASN A 150 5.07 4.79 10.70
C ASN A 150 3.89 5.72 10.95
N LEU A 151 4.04 6.81 11.61
CA LEU A 151 2.99 7.82 11.82
C LEU A 151 3.01 8.94 10.81
N GLN A 152 3.89 9.11 9.97
CA GLN A 152 4.15 10.12 8.98
C GLN A 152 3.37 9.90 7.68
N GLU A 153 2.95 8.68 7.44
CA GLU A 153 2.18 8.37 6.19
C GLU A 153 0.81 7.95 6.61
N PRO A 154 -0.25 8.62 6.14
CA PRO A 154 -1.62 8.35 6.56
C PRO A 154 -2.09 6.95 6.31
N TYR A 155 -1.44 6.27 5.38
CA TYR A 155 -1.76 4.86 5.03
C TYR A 155 -1.75 3.93 6.23
N PHE A 156 -0.79 4.23 7.13
CA PHE A 156 -0.62 3.39 8.32
C PHE A 156 -1.65 3.64 9.41
N THR A 157 -2.07 4.91 9.48
CA THR A 157 -3.07 5.31 10.48
C THR A 157 -4.49 5.10 10.04
N TRP A 158 -4.75 5.08 8.76
CA TRP A 158 -6.16 4.90 8.28
C TRP A 158 -6.86 3.68 8.83
N PRO A 159 -6.40 2.48 9.03
CA PRO A 159 -7.20 1.44 9.57
C PRO A 159 -7.93 1.73 10.88
N LEU A 160 -7.32 2.53 11.74
CA LEU A 160 -7.82 2.94 13.09
C LEU A 160 -8.90 4.06 12.92
N ILE A 161 -8.61 5.03 12.02
CA ILE A 161 -9.55 6.12 11.71
C ILE A 161 -10.81 5.56 11.11
N ALA A 162 -10.66 4.54 10.26
CA ALA A 162 -11.79 3.94 9.58
C ALA A 162 -12.59 2.94 10.46
N ALA A 163 -11.90 2.36 11.46
CA ALA A 163 -12.53 1.31 12.28
C ALA A 163 -13.90 1.69 12.75
N ASP A 164 -14.10 2.73 13.39
CA ASP A 164 -15.41 3.17 13.98
C ASP A 164 -16.29 4.00 13.02
N GLY A 165 -15.96 3.99 11.71
CA GLY A 165 -16.79 4.77 10.78
C GLY A 165 -16.18 5.73 9.87
N GLY A 166 -14.88 6.09 9.90
CA GLY A 166 -14.36 7.13 9.00
C GLY A 166 -14.37 6.50 7.59
N TYR A 167 -14.49 7.38 6.62
CA TYR A 167 -14.43 6.84 5.24
C TYR A 167 -13.87 7.95 4.36
N ALA A 168 -13.40 7.64 3.18
CA ALA A 168 -12.86 8.62 2.23
C ALA A 168 -14.04 9.21 1.42
N PHE A 169 -14.58 8.54 0.46
CA PHE A 169 -15.63 8.98 -0.40
C PHE A 169 -16.72 7.91 -0.34
N LYS A 170 -17.96 8.31 -0.18
CA LYS A 170 -19.09 7.42 -0.20
C LYS A 170 -19.28 6.93 -1.63
N TYR A 171 -19.42 5.65 -1.78
CA TYR A 171 -19.66 4.98 -3.08
C TYR A 171 -21.16 5.00 -3.28
N GLU A 172 -21.82 5.76 -4.08
CA GLU A 172 -23.30 5.80 -4.06
C GLU A 172 -23.91 5.06 -5.14
N ASN A 173 -23.80 5.43 -6.40
CA ASN A 173 -24.53 4.40 -7.31
C ASN A 173 -23.55 3.30 -7.73
N GLY A 174 -22.47 3.72 -8.31
CA GLY A 174 -21.36 2.83 -8.77
C GLY A 174 -20.35 3.92 -9.27
N LYS A 175 -20.61 5.02 -8.58
CA LYS A 175 -20.02 6.27 -8.58
C LYS A 175 -19.63 6.60 -7.11
N TYR A 176 -18.47 7.21 -7.02
CA TYR A 176 -18.02 7.72 -5.72
C TYR A 176 -18.56 9.16 -5.71
N ASP A 177 -19.16 9.54 -4.59
CA ASP A 177 -19.65 10.92 -4.42
C ASP A 177 -18.50 11.72 -3.84
N ILE A 178 -17.88 12.68 -4.51
CA ILE A 178 -16.75 13.44 -4.13
C ILE A 178 -17.08 14.55 -3.16
N LYS A 179 -18.37 14.71 -2.92
CA LYS A 179 -18.78 15.75 -1.97
C LYS A 179 -19.16 15.04 -0.71
N ASP A 180 -19.22 13.74 -0.66
CA ASP A 180 -19.62 13.07 0.61
C ASP A 180 -18.33 12.39 1.11
N VAL A 181 -17.60 13.05 1.99
CA VAL A 181 -16.30 12.66 2.66
C VAL A 181 -16.56 12.30 4.13
N GLY A 182 -15.93 11.28 4.67
CA GLY A 182 -16.16 10.79 6.07
C GLY A 182 -14.90 11.01 6.88
N VAL A 183 -14.17 12.06 6.65
CA VAL A 183 -12.93 12.22 7.46
C VAL A 183 -13.20 12.96 8.73
N ASP A 184 -14.36 13.60 8.80
CA ASP A 184 -14.66 14.39 10.03
C ASP A 184 -15.90 13.94 10.77
N ASN A 185 -16.33 12.71 10.66
CA ASN A 185 -17.53 12.15 11.32
C ASN A 185 -17.11 11.67 12.70
N ALA A 186 -18.03 11.22 13.51
CA ALA A 186 -17.76 10.74 14.86
C ALA A 186 -16.81 9.56 14.84
N GLY A 187 -16.81 8.62 13.93
CA GLY A 187 -15.96 7.46 13.74
C GLY A 187 -14.54 7.91 13.55
N ALA A 188 -14.30 8.74 12.55
CA ALA A 188 -12.94 9.29 12.27
C ALA A 188 -12.37 10.06 13.50
N LYS A 189 -13.20 10.88 14.17
CA LYS A 189 -12.76 11.63 15.32
C LYS A 189 -12.48 10.64 16.48
N ALA A 190 -13.22 9.61 16.70
CA ALA A 190 -12.89 8.69 17.78
C ALA A 190 -11.54 7.98 17.51
N GLY A 191 -11.31 7.50 16.27
CA GLY A 191 -10.02 6.84 16.04
C GLY A 191 -8.76 7.70 16.18
N LEU A 192 -8.87 8.93 15.62
CA LEU A 192 -7.79 9.89 15.65
C LEU A 192 -7.56 10.27 17.15
N THR A 193 -8.60 10.49 17.87
CA THR A 193 -8.45 10.80 19.29
C THR A 193 -7.74 9.67 20.00
N PHE A 194 -7.95 8.45 19.84
CA PHE A 194 -7.29 7.33 20.52
C PHE A 194 -5.79 7.41 20.15
N LEU A 195 -5.44 7.68 18.88
CA LEU A 195 -4.07 7.78 18.46
C LEU A 195 -3.32 8.90 19.20
N VAL A 196 -3.86 10.07 19.23
CA VAL A 196 -3.31 11.29 19.88
C VAL A 196 -3.07 10.93 21.35
N ASP A 197 -4.04 10.27 21.92
CA ASP A 197 -3.99 9.86 23.35
C ASP A 197 -2.82 8.89 23.61
N LEU A 198 -2.51 7.90 22.81
CA LEU A 198 -1.41 7.00 22.94
C LEU A 198 -0.12 7.82 23.01
N ILE A 199 -0.15 8.88 22.30
CA ILE A 199 0.96 9.82 22.13
C ILE A 199 1.10 10.69 23.36
N LYS A 200 0.05 11.36 23.73
CA LYS A 200 0.05 12.22 24.89
C LYS A 200 0.38 11.33 26.04
N ASN A 201 0.05 10.10 26.10
CA ASN A 201 0.33 9.26 27.27
C ASN A 201 1.69 8.58 27.17
N LYS A 202 2.47 9.01 26.21
CA LYS A 202 3.83 8.47 26.03
C LYS A 202 3.93 7.05 25.66
N HIS A 203 2.97 6.52 24.95
CA HIS A 203 3.01 5.12 24.53
C HIS A 203 3.61 5.07 23.16
N MET A 204 3.62 6.20 22.45
CA MET A 204 4.17 6.29 21.10
C MET A 204 4.65 7.76 20.94
N ASN A 205 5.54 7.84 19.99
CA ASN A 205 6.11 9.18 19.66
C ASN A 205 5.60 9.64 18.30
N ALA A 206 5.30 10.93 18.32
CA ALA A 206 4.75 11.64 17.20
C ALA A 206 5.68 11.66 16.06
N ASP A 207 7.03 11.49 16.29
CA ASP A 207 7.91 11.56 15.11
C ASP A 207 8.18 10.21 14.50
N THR A 208 7.80 9.07 15.05
CA THR A 208 8.14 7.79 14.42
C THR A 208 7.87 7.73 12.92
N ASP A 209 8.83 7.28 12.16
CA ASP A 209 8.65 7.16 10.72
C ASP A 209 8.85 5.73 10.35
N TYR A 210 8.98 5.52 9.07
CA TYR A 210 9.13 4.10 8.60
C TYR A 210 10.41 3.50 9.12
N SER A 211 11.51 4.20 8.96
CA SER A 211 12.81 3.70 9.44
C SER A 211 12.94 3.42 10.88
N ILE A 212 12.58 4.29 11.74
CA ILE A 212 12.60 4.14 13.20
C ILE A 212 11.77 2.97 13.62
N ALA A 213 10.45 2.84 13.12
CA ALA A 213 9.60 1.70 13.51
C ALA A 213 10.21 0.41 13.04
N GLU A 214 10.73 0.38 11.78
CA GLU A 214 11.35 -0.86 11.25
C GLU A 214 12.59 -1.22 12.05
N ALA A 215 13.44 -0.25 12.39
CA ALA A 215 14.64 -0.66 13.20
C ALA A 215 14.24 -1.11 14.56
N ALA A 216 13.31 -0.40 15.18
CA ALA A 216 12.88 -0.76 16.56
C ALA A 216 12.42 -2.18 16.63
N PHE A 217 11.58 -2.60 15.63
CA PHE A 217 11.11 -4.00 15.67
C PHE A 217 12.21 -5.00 15.25
N ASN A 218 13.01 -4.65 14.27
CA ASN A 218 14.04 -5.59 13.77
C ASN A 218 15.12 -5.85 14.85
N LYS A 219 15.31 -4.87 15.73
CA LYS A 219 16.24 -4.96 16.83
C LYS A 219 15.62 -5.55 18.10
N GLY A 220 14.36 -5.91 18.12
CA GLY A 220 13.73 -6.44 19.31
C GLY A 220 13.39 -5.47 20.39
N GLU A 221 13.33 -4.19 20.05
CA GLU A 221 13.01 -3.29 21.16
C GLU A 221 11.52 -3.00 21.24
N THR A 222 10.74 -3.35 20.22
CA THR A 222 9.26 -3.10 20.29
C THR A 222 8.63 -4.41 19.95
N ALA A 223 7.54 -4.77 20.69
CA ALA A 223 6.89 -6.02 20.54
C ALA A 223 6.05 -6.15 19.23
N MET A 224 5.59 -5.01 18.69
CA MET A 224 4.73 -5.05 17.51
C MET A 224 4.99 -3.80 16.65
N THR A 225 4.65 -4.01 15.38
CA THR A 225 4.69 -3.00 14.30
C THR A 225 3.49 -3.25 13.37
N ILE A 226 3.13 -2.40 12.50
CA ILE A 226 2.05 -2.57 11.57
C ILE A 226 2.73 -2.36 10.20
N ASN A 227 2.72 -3.26 9.30
CA ASN A 227 3.36 -3.05 8.00
C ASN A 227 2.74 -4.04 6.97
N GLY A 228 3.20 -3.94 5.72
CA GLY A 228 2.73 -4.76 4.58
C GLY A 228 3.79 -5.85 4.30
N PRO A 229 3.43 -6.69 3.31
CA PRO A 229 4.23 -7.84 2.94
C PRO A 229 5.68 -7.50 2.57
N TRP A 230 5.92 -6.36 1.92
CA TRP A 230 7.21 -5.91 1.47
C TRP A 230 8.21 -5.89 2.65
N ALA A 231 7.73 -5.67 3.86
CA ALA A 231 8.63 -5.63 5.03
C ALA A 231 9.15 -6.95 5.60
N TRP A 232 8.58 -8.07 5.20
CA TRP A 232 8.88 -9.37 5.75
C TRP A 232 10.32 -9.79 5.49
N SER A 233 10.86 -9.44 4.38
CA SER A 233 12.27 -9.87 3.93
C SER A 233 13.27 -9.34 4.91
N ASN A 234 13.10 -8.10 5.34
CA ASN A 234 14.01 -7.49 6.34
C ASN A 234 13.82 -8.14 7.74
N ILE A 235 12.62 -8.48 8.13
CA ILE A 235 12.38 -9.11 9.41
C ILE A 235 13.01 -10.51 9.34
N ASP A 236 12.95 -11.18 8.19
CA ASP A 236 13.56 -12.53 8.12
C ASP A 236 15.09 -12.52 8.36
N THR A 237 15.74 -11.48 7.83
CA THR A 237 17.20 -11.39 7.92
C THR A 237 17.62 -10.99 9.32
N SER A 238 16.76 -10.41 10.11
CA SER A 238 16.98 -10.06 11.47
C SER A 238 16.80 -11.24 12.43
N LYS A 239 16.24 -12.32 11.87
CA LYS A 239 15.90 -13.52 12.62
C LYS A 239 14.95 -13.38 13.78
N VAL A 240 14.16 -12.27 13.82
CA VAL A 240 13.19 -12.16 14.91
C VAL A 240 12.23 -13.30 14.64
N ASN A 241 11.62 -13.89 15.66
CA ASN A 241 10.65 -14.96 15.50
C ASN A 241 9.31 -14.15 15.51
N TYR A 242 8.81 -13.89 14.35
CA TYR A 242 7.55 -13.04 14.32
C TYR A 242 6.30 -13.72 13.83
N GLY A 243 5.18 -13.09 14.07
CA GLY A 243 3.89 -13.64 13.58
C GLY A 243 3.24 -12.46 12.83
N VAL A 244 2.34 -12.81 12.01
CA VAL A 244 1.58 -11.80 11.18
C VAL A 244 0.17 -12.13 11.43
N THR A 245 -0.67 -11.23 11.90
CA THR A 245 -2.03 -11.63 12.16
C THR A 245 -2.97 -10.48 11.89
N VAL A 246 -4.24 -10.68 12.24
CA VAL A 246 -5.31 -9.68 12.15
C VAL A 246 -5.00 -8.46 13.03
N LEU A 247 -5.27 -7.28 12.43
CA LEU A 247 -5.17 -6.01 13.13
C LEU A 247 -6.12 -6.04 14.38
N PRO A 248 -5.83 -5.30 15.44
CA PRO A 248 -6.70 -5.28 16.61
C PRO A 248 -8.01 -4.52 16.31
N THR A 249 -9.03 -4.76 17.05
CA THR A 249 -10.34 -4.09 16.89
C THR A 249 -10.38 -2.78 17.60
N PHE A 250 -11.29 -1.87 17.34
CA PHE A 250 -11.36 -0.62 17.99
C PHE A 250 -12.90 -0.46 18.27
N LYS A 251 -13.28 -0.33 19.48
CA LYS A 251 -14.71 -0.19 19.86
C LYS A 251 -15.47 -1.38 19.34
N GLY A 252 -14.74 -2.52 19.34
CA GLY A 252 -15.45 -3.74 18.86
C GLY A 252 -15.52 -3.94 17.37
N GLN A 253 -15.00 -3.02 16.59
CA GLN A 253 -15.04 -3.21 15.15
C GLN A 253 -13.62 -3.47 14.61
N PRO A 254 -13.55 -4.19 13.55
CA PRO A 254 -12.32 -4.51 12.87
C PRO A 254 -11.63 -3.26 12.38
N SER A 255 -10.33 -3.22 12.48
CA SER A 255 -9.47 -2.14 11.89
C SER A 255 -9.73 -2.36 10.39
N LYS A 256 -9.85 -1.29 9.62
CA LYS A 256 -10.17 -1.39 8.21
C LYS A 256 -9.16 -0.74 7.31
N PRO A 257 -8.21 -1.49 6.89
CA PRO A 257 -7.15 -0.96 6.03
C PRO A 257 -7.64 -0.63 4.63
N PHE A 258 -7.02 0.42 4.07
CA PHE A 258 -7.28 0.75 2.66
C PHE A 258 -6.56 -0.36 1.91
N VAL A 259 -7.13 -1.11 1.04
CA VAL A 259 -6.42 -2.15 0.28
C VAL A 259 -5.91 -1.58 -1.09
N GLY A 260 -4.59 -1.85 -1.32
CA GLY A 260 -3.95 -1.41 -2.56
C GLY A 260 -3.65 -2.54 -3.51
N VAL A 261 -3.75 -2.29 -4.81
CA VAL A 261 -3.52 -3.30 -5.82
C VAL A 261 -2.24 -2.82 -6.50
N LEU A 262 -1.04 -3.42 -6.38
CA LEU A 262 0.14 -3.04 -7.02
C LEU A 262 -0.19 -3.18 -8.54
N SER A 263 -0.01 -2.11 -9.27
CA SER A 263 -0.37 -2.16 -10.69
C SER A 263 0.78 -1.61 -11.54
N ALA A 264 0.80 -2.04 -12.78
CA ALA A 264 1.83 -1.66 -13.78
C ALA A 264 1.10 -0.99 -14.98
N GLY A 265 1.37 0.22 -15.18
CA GLY A 265 0.81 1.06 -16.26
C GLY A 265 1.79 1.28 -17.41
N ILE A 266 1.23 1.59 -18.62
CA ILE A 266 2.17 1.84 -19.77
C ILE A 266 1.99 3.30 -20.12
N ASN A 267 3.10 4.00 -20.10
CA ASN A 267 3.17 5.44 -20.43
C ASN A 267 2.63 5.56 -21.86
N ALA A 268 1.66 6.44 -22.02
CA ALA A 268 0.97 6.77 -23.27
C ALA A 268 1.93 7.21 -24.42
N ALA A 269 3.01 7.81 -24.01
CA ALA A 269 4.14 8.38 -24.71
C ALA A 269 5.26 7.40 -25.10
N SER A 270 5.11 6.14 -24.81
CA SER A 270 6.12 5.17 -25.18
C SER A 270 5.78 4.57 -26.59
N PRO A 271 6.92 4.45 -27.27
CA PRO A 271 7.00 3.82 -28.58
C PRO A 271 7.18 2.30 -28.40
N ASN A 272 7.22 1.78 -27.14
CA ASN A 272 7.40 0.37 -26.84
C ASN A 272 6.18 -0.28 -26.25
N LYS A 273 5.03 0.17 -26.59
CA LYS A 273 3.80 -0.45 -25.96
C LYS A 273 3.65 -1.93 -26.11
N GLU A 274 3.97 -2.49 -27.28
CA GLU A 274 3.84 -3.93 -27.52
C GLU A 274 4.93 -4.73 -26.79
N LEU A 275 6.10 -4.26 -26.60
CA LEU A 275 7.22 -4.87 -25.90
C LEU A 275 6.84 -4.87 -24.38
N ALA A 276 6.27 -3.67 -24.01
CA ALA A 276 5.81 -3.50 -22.63
C ALA A 276 4.84 -4.63 -22.31
N LYS A 277 3.85 -4.76 -23.20
CA LYS A 277 2.79 -5.78 -23.09
C LYS A 277 3.40 -7.17 -23.03
N GLU A 278 4.36 -7.42 -23.88
CA GLU A 278 5.05 -8.71 -23.97
C GLU A 278 5.58 -9.06 -22.56
N PHE A 279 6.41 -8.16 -22.10
CA PHE A 279 7.12 -8.15 -20.82
C PHE A 279 6.14 -8.42 -19.71
N LEU A 280 5.06 -7.63 -19.57
CA LEU A 280 4.12 -7.85 -18.45
C LEU A 280 3.31 -9.09 -18.56
N GLU A 281 2.66 -9.26 -19.72
CA GLU A 281 1.83 -10.46 -19.83
C GLU A 281 2.56 -11.78 -19.91
N ASN A 282 3.62 -11.88 -20.67
CA ASN A 282 4.35 -13.17 -20.82
C ASN A 282 5.54 -13.43 -19.95
N TYR A 283 6.10 -12.48 -19.22
CA TYR A 283 7.22 -12.71 -18.33
C TYR A 283 6.86 -12.50 -16.85
N LEU A 284 6.41 -11.26 -16.57
CA LEU A 284 6.10 -10.96 -15.15
C LEU A 284 4.90 -11.64 -14.68
N LEU A 285 3.81 -11.57 -15.42
CA LEU A 285 2.63 -12.20 -14.89
C LEU A 285 2.65 -13.70 -15.15
N THR A 286 3.65 -14.38 -14.66
CA THR A 286 3.78 -15.84 -14.75
C THR A 286 4.08 -16.37 -13.34
N ASP A 287 4.02 -17.60 -12.98
CA ASP A 287 4.43 -18.18 -11.66
C ASP A 287 5.92 -17.86 -11.50
N GLU A 288 6.76 -18.03 -12.54
CA GLU A 288 8.16 -17.76 -12.56
C GLU A 288 8.55 -16.31 -12.42
N GLY A 289 7.88 -15.40 -13.14
CA GLY A 289 8.18 -13.96 -13.01
C GLY A 289 7.73 -13.46 -11.57
N LEU A 290 6.60 -13.79 -11.07
CA LEU A 290 6.09 -13.39 -9.73
C LEU A 290 6.96 -14.00 -8.66
N GLU A 291 7.34 -15.22 -8.82
CA GLU A 291 8.26 -15.89 -7.82
C GLU A 291 9.58 -15.18 -7.61
N ALA A 292 10.29 -14.67 -8.59
CA ALA A 292 11.49 -13.93 -8.74
C ALA A 292 11.37 -12.60 -7.99
N VAL A 293 10.26 -11.88 -8.18
CA VAL A 293 9.96 -10.60 -7.48
C VAL A 293 9.69 -10.95 -6.00
N ASN A 294 8.90 -11.94 -5.75
CA ASN A 294 8.55 -12.32 -4.38
C ASN A 294 9.70 -12.74 -3.52
N LYS A 295 10.78 -13.33 -3.98
CA LYS A 295 11.98 -13.74 -3.28
C LYS A 295 12.77 -12.55 -2.70
N ASP A 296 12.69 -11.52 -3.53
CA ASP A 296 13.30 -10.25 -3.21
C ASP A 296 12.53 -9.62 -2.02
N LYS A 297 11.29 -9.14 -2.28
CA LYS A 297 10.45 -8.58 -1.21
C LYS A 297 9.08 -9.17 -1.48
N PRO A 298 8.45 -9.85 -0.55
CA PRO A 298 7.13 -10.47 -0.74
C PRO A 298 6.11 -9.47 -1.32
N LEU A 299 5.33 -9.95 -2.27
CA LEU A 299 4.30 -9.11 -2.89
C LEU A 299 2.98 -9.07 -2.15
N GLY A 300 2.68 -10.03 -1.34
CA GLY A 300 1.28 -10.00 -0.69
C GLY A 300 0.52 -11.18 -1.46
N ALA A 301 -0.80 -10.96 -1.55
CA ALA A 301 -1.68 -11.96 -2.26
C ALA A 301 -1.56 -11.68 -3.71
N VAL A 302 -1.13 -12.46 -4.64
CA VAL A 302 -0.97 -12.00 -6.06
C VAL A 302 -2.30 -12.14 -6.77
N ALA A 303 -2.38 -11.40 -7.84
CA ALA A 303 -3.52 -11.35 -8.72
C ALA A 303 -3.64 -12.59 -9.63
N LEU A 304 -2.57 -13.24 -9.98
CA LEU A 304 -2.47 -14.45 -10.83
C LEU A 304 -2.91 -15.65 -10.00
N LYS A 305 -4.02 -16.23 -10.39
CA LYS A 305 -4.63 -17.26 -9.62
C LYS A 305 -3.71 -18.44 -9.38
N SER A 306 -2.99 -18.73 -10.40
CA SER A 306 -2.06 -19.94 -10.36
C SER A 306 -1.05 -19.88 -9.25
N TYR A 307 -0.34 -18.79 -9.11
CA TYR A 307 0.69 -18.54 -8.10
C TYR A 307 0.04 -18.26 -6.76
N GLU A 308 -1.06 -17.52 -6.74
CA GLU A 308 -1.71 -17.27 -5.47
C GLU A 308 -2.07 -18.57 -4.75
N GLU A 309 -2.28 -19.59 -5.66
CA GLU A 309 -2.65 -20.94 -5.13
C GLU A 309 -1.54 -21.55 -4.27
N GLU A 310 -0.32 -21.23 -4.64
CA GLU A 310 0.90 -21.69 -4.01
C GLU A 310 1.11 -20.87 -2.77
N LEU A 311 0.85 -19.58 -2.85
CA LEU A 311 1.06 -18.67 -1.71
C LEU A 311 0.13 -18.75 -0.51
N ALA A 312 -1.16 -18.96 -0.65
CA ALA A 312 -2.29 -19.03 0.22
C ALA A 312 -2.22 -19.87 1.47
N LYS A 313 -1.30 -20.78 1.43
CA LYS A 313 -0.87 -21.76 2.39
C LYS A 313 -0.01 -21.11 3.53
N ASP A 314 0.65 -20.04 3.18
CA ASP A 314 1.55 -19.25 4.09
C ASP A 314 0.65 -18.47 4.98
N PRO A 315 0.76 -18.62 6.28
CA PRO A 315 -0.11 -17.96 7.24
C PRO A 315 0.01 -16.43 7.17
N ARG A 316 1.14 -15.98 6.71
CA ARG A 316 1.38 -14.51 6.55
C ARG A 316 0.46 -14.05 5.43
N ILE A 317 0.32 -14.84 4.38
CA ILE A 317 -0.64 -14.50 3.28
C ILE A 317 -2.07 -14.58 3.69
N ALA A 318 -2.40 -15.62 4.54
CA ALA A 318 -3.72 -15.82 5.11
C ALA A 318 -4.09 -14.63 5.98
N ALA A 319 -3.08 -14.13 6.80
CA ALA A 319 -3.39 -12.94 7.65
C ALA A 319 -3.65 -11.65 6.77
N THR A 320 -2.91 -11.58 5.66
CA THR A 320 -2.93 -10.49 4.64
C THR A 320 -4.34 -10.42 4.05
N MET A 321 -4.79 -11.62 3.55
CA MET A 321 -6.19 -11.72 3.05
C MET A 321 -7.23 -11.44 4.09
N GLU A 322 -7.12 -11.83 5.32
CA GLU A 322 -8.06 -11.60 6.33
C GLU A 322 -8.16 -10.13 6.59
N ASN A 323 -7.07 -9.43 6.61
CA ASN A 323 -7.12 -7.94 6.86
C ASN A 323 -7.66 -7.29 5.58
N ALA A 324 -7.34 -7.79 4.43
CA ALA A 324 -7.88 -7.19 3.20
C ALA A 324 -9.37 -7.34 3.22
N GLN A 325 -9.86 -8.52 3.63
CA GLN A 325 -11.31 -8.76 3.75
C GLN A 325 -12.07 -7.79 4.63
N LYS A 326 -11.61 -7.32 5.73
CA LYS A 326 -12.02 -6.43 6.72
C LYS A 326 -11.84 -5.00 6.27
N GLY A 327 -11.04 -4.65 5.34
CA GLY A 327 -10.68 -3.39 4.74
C GLY A 327 -11.50 -3.04 3.55
N GLU A 328 -11.21 -2.07 2.82
CA GLU A 328 -11.84 -1.59 1.60
C GLU A 328 -10.82 -1.31 0.53
N ILE A 329 -11.15 -1.68 -0.70
CA ILE A 329 -10.35 -1.46 -1.84
C ILE A 329 -10.34 0.05 -2.05
N MET A 330 -9.23 0.69 -2.25
CA MET A 330 -9.16 2.11 -2.43
C MET A 330 -9.84 2.53 -3.73
N PRO A 331 -10.44 3.69 -3.69
CA PRO A 331 -10.93 4.24 -5.01
C PRO A 331 -9.76 4.55 -5.87
N ASN A 332 -9.79 4.68 -7.18
CA ASN A 332 -8.74 5.09 -8.07
C ASN A 332 -9.05 6.50 -8.72
N ILE A 333 -10.08 7.19 -8.22
CA ILE A 333 -10.45 8.54 -8.70
C ILE A 333 -9.34 9.56 -8.51
N PRO A 334 -9.27 10.55 -9.40
CA PRO A 334 -8.30 11.61 -9.38
C PRO A 334 -8.21 12.28 -8.02
N GLN A 335 -9.34 12.37 -7.33
CA GLN A 335 -9.39 13.03 -6.02
C GLN A 335 -8.66 12.27 -4.89
N MET A 336 -8.27 11.06 -5.08
CA MET A 336 -7.52 10.30 -4.04
C MET A 336 -6.25 11.04 -3.66
N SER A 337 -5.53 11.69 -4.61
CA SER A 337 -4.30 12.40 -4.11
C SER A 337 -4.69 13.58 -3.20
N ALA A 338 -5.73 14.39 -3.31
CA ALA A 338 -6.15 15.43 -2.51
C ALA A 338 -6.56 14.86 -1.13
N PHE A 339 -7.27 13.77 -1.14
CA PHE A 339 -7.67 13.11 0.08
C PHE A 339 -6.39 12.80 0.93
N TRP A 340 -5.39 12.09 0.31
CA TRP A 340 -4.22 11.65 1.09
C TRP A 340 -3.41 12.77 1.70
N TYR A 341 -3.23 13.84 0.96
CA TYR A 341 -2.48 15.04 1.35
C TYR A 341 -3.19 15.70 2.45
N ALA A 342 -4.54 15.82 2.36
CA ALA A 342 -5.27 16.49 3.48
C ALA A 342 -5.16 15.69 4.74
N VAL A 343 -5.34 14.36 4.65
CA VAL A 343 -5.30 13.47 5.85
C VAL A 343 -3.87 13.44 6.41
N ARG A 344 -2.84 13.46 5.51
CA ARG A 344 -1.50 13.47 6.02
C ARG A 344 -1.25 14.67 6.92
N THR A 345 -1.60 15.87 6.51
CA THR A 345 -1.44 17.09 7.37
C THR A 345 -2.27 16.99 8.66
N ALA A 346 -3.56 16.55 8.55
CA ALA A 346 -4.43 16.42 9.72
C ALA A 346 -3.83 15.58 10.73
N VAL A 347 -3.30 14.38 10.41
CA VAL A 347 -2.70 13.45 11.36
C VAL A 347 -1.39 14.08 11.95
N ILE A 348 -0.50 14.62 11.18
CA ILE A 348 0.73 15.17 11.75
C ILE A 348 0.37 16.34 12.65
N ASN A 349 -0.54 17.24 12.26
CA ASN A 349 -0.92 18.40 13.12
C ASN A 349 -1.60 17.88 14.38
N ALA A 350 -2.51 16.95 14.36
CA ALA A 350 -3.13 16.41 15.55
C ALA A 350 -2.07 15.70 16.44
N ALA A 351 -1.19 14.86 15.92
CA ALA A 351 -0.24 14.06 16.73
C ALA A 351 0.81 14.94 17.44
N SER A 352 1.16 15.97 16.75
CA SER A 352 2.15 16.96 17.25
C SER A 352 1.48 17.94 18.18
N GLY A 353 0.13 18.02 18.24
CA GLY A 353 -0.48 18.99 19.15
C GLY A 353 -0.59 20.33 18.54
N ARG A 354 -0.27 20.56 17.27
CA ARG A 354 -0.37 21.85 16.63
C ARG A 354 -1.86 22.19 16.42
N GLN A 355 -2.72 21.19 16.41
CA GLN A 355 -4.17 21.39 16.25
C GLN A 355 -4.87 20.31 17.06
N THR A 356 -6.09 20.61 17.44
CA THR A 356 -6.80 19.54 18.13
C THR A 356 -7.36 18.59 17.01
N VAL A 357 -7.76 17.43 17.31
CA VAL A 357 -8.37 16.42 16.44
C VAL A 357 -9.53 17.09 15.72
N ASP A 358 -10.46 17.71 16.43
CA ASP A 358 -11.60 18.38 15.78
C ASP A 358 -11.15 19.46 14.76
N GLU A 359 -10.29 20.40 15.00
CA GLU A 359 -9.84 21.35 14.07
C GLU A 359 -9.04 20.70 12.93
N ALA A 360 -8.26 19.68 13.25
CA ALA A 360 -7.52 18.98 12.18
C ALA A 360 -8.46 18.23 11.25
N LEU A 361 -9.47 17.53 11.62
CA LEU A 361 -10.29 16.78 10.68
C LEU A 361 -11.22 17.72 10.00
N LYS A 362 -11.64 18.81 10.64
CA LYS A 362 -12.56 19.76 10.01
C LYS A 362 -11.79 20.46 8.92
N ASP A 363 -10.50 20.77 9.14
CA ASP A 363 -9.77 21.42 8.04
C ASP A 363 -9.60 20.49 6.84
N ALA A 364 -9.43 19.25 7.16
CA ALA A 364 -9.20 18.24 6.09
C ALA A 364 -10.42 18.06 5.26
N GLN A 365 -11.58 17.96 5.93
CA GLN A 365 -12.84 17.77 5.25
C GLN A 365 -13.07 18.91 4.26
N THR A 366 -12.78 20.14 4.78
CA THR A 366 -12.89 21.41 4.05
C THR A 366 -12.03 21.36 2.83
N ARG A 367 -10.80 21.06 3.03
CA ARG A 367 -9.80 20.99 1.97
C ARG A 367 -10.18 20.01 0.90
N ILE A 368 -10.64 18.82 1.15
CA ILE A 368 -10.98 17.76 0.23
C ILE A 368 -12.24 18.09 -0.53
N THR A 369 -13.17 18.73 0.13
CA THR A 369 -14.44 19.00 -0.54
C THR A 369 -14.42 20.36 -1.29
N LYS A 370 -13.38 21.12 -1.33
CA LYS A 370 -13.16 22.42 -1.92
C LYS A 370 -13.30 23.40 -0.67
C1 GLC B . 3.54 1.10 0.39
C2 GLC B . 2.26 0.73 -0.27
C3 GLC B . 1.56 1.92 -0.84
C4 GLC B . 1.35 2.93 0.30
C5 GLC B . 2.74 3.35 0.85
C6 GLC B . 2.66 4.22 2.10
O1 GLC B . 4.48 1.58 -0.57
O2 GLC B . 2.56 -0.24 -1.27
O3 GLC B . 0.28 1.49 -1.35
O4 GLC B . 0.83 4.07 -0.33
O5 GLC B . 3.39 2.17 1.29
O6 GLC B . 3.97 4.79 2.36
C1 GLC B . -0.50 4.44 -0.13
C2 GLC B . -1.05 4.88 -1.46
C3 GLC B . -0.27 6.13 -1.85
C4 GLC B . -0.51 7.16 -0.77
C5 GLC B . -0.09 6.70 0.63
C6 GLC B . -0.56 7.62 1.70
O2 GLC B . -0.87 3.84 -2.42
O3 GLC B . -0.71 6.58 -3.14
O4 GLC B . 0.37 8.28 -1.15
O5 GLC B . -0.71 5.44 0.88
O6 GLC B . 0.23 7.36 2.92
C1 GLC B . -0.35 9.54 -1.44
C2 GLC B . 0.24 10.08 -2.68
C3 GLC B . 1.72 10.44 -2.44
C4 GLC B . 1.76 11.43 -1.26
C5 GLC B . 1.15 10.78 0.00
C6 GLC B . 0.99 11.80 1.10
O2 GLC B . 0.10 9.13 -3.75
O3 GLC B . 2.24 11.18 -3.55
O4 GLC B . 3.05 11.75 -0.95
O5 GLC B . -0.20 10.36 -0.35
O6 GLC B . 0.63 11.16 2.32
#